data_1YTF
#
_entry.id   1YTF
#
_cell.length_a   59.150
_cell.length_b   93.050
_cell.length_c   117.830
_cell.angle_alpha   90.00
_cell.angle_beta   90.00
_cell.angle_gamma   90.00
#
_symmetry.space_group_name_H-M   'P 21 21 21'
#
loop_
_entity.id
_entity.type
_entity.pdbx_description
1 polymer "DNA (5'-D(*TP*GP*TP*AP*TP*GP*TP*AP*TP*AP*TP*AP*AP*AP*AP*C)-3')"
2 polymer "DNA (5'-D(*GP*TP*TP*TP*TP*AP*TP*AP*TP*AP*CP*AP*TP*AP*CP*A)-3')"
3 polymer 'PROTEIN (TATA BINDING PROTEIN (TBP))'
4 polymer 'PROTEIN (TRANSCRIPTION FACTOR IIA - TOA1N SUBUNIT)'
5 polymer 'PROTEIN (TRANSCRIPTION FACTOR IIA - TOA1C SUBUNIT)'
6 polymer 'PROTEIN (TRANSCRIPTION FACTOR IIA - TOA2 SUBUNIT)'
#
loop_
_entity_poly.entity_id
_entity_poly.type
_entity_poly.pdbx_seq_one_letter_code
_entity_poly.pdbx_strand_id
1 'polydeoxyribonucleotide' (DT)(DG)(DT)(DA)(DT)(DG)(DT)(DA)(DT)(DA)(DT)(DA)(DA)(DA)(DA)(DC) E
2 'polydeoxyribonucleotide' (DG)(DT)(DT)(DT)(DT)(DA)(DT)(DA)(DT)(DA)(DC)(DA)(DT)(DA)(DC)(DA) F
3 'polypeptide(L)'
;SGIVPTLQNIVATVTLGCRLDLKTVALHARNAEYNPKRFAAVIMRIREPKTTALIFASGKMVVTGAKSEDDSKLASRKYA
RIIQKIGFAAKFTDFKIQNIVGSCDVKFPIRLEGLAFSHGTFSSYEPELFPGLIYRMVKPKIVLLIFVSGKIVLTGAKQR
EEIYQAFEAIYPVLSEFRKM
;
A
4 'polypeptide(L)' SNAEASRVYEIIVESVVNEVREDFENAGIDEQTLQDLKNIWQKKLTETKVTTF B
5 'polypeptide(L)' GSSALLDTDEVGSELDDSDDDYLISEGEEDGPDENLMLCLYDKVTRTKARWKCSLKDGVVTINRNDYTFQKAQVEAEWV C
6 'polypeptide(L)'
;AVPGYYELYRRSTIGNSLVDALDTLISDGRIEASLAMRVLETFDKVVAETLKDNTQSKLTVKGNLDTYGFCDDVWTFIVK
NCQVTVEDSHRDASQNGSGDSQSVISVDKLRIVACNSKKSE
;
D
#
# COMPACT_ATOMS: atom_id res chain seq x y z
N SER C 1 -39.39 2.24 -19.36
CA SER C 1 -38.35 2.13 -20.41
C SER C 1 -37.60 0.82 -20.26
N GLY C 2 -36.88 0.42 -21.31
CA GLY C 2 -36.10 -0.80 -21.25
C GLY C 2 -34.71 -0.53 -20.72
N ILE C 3 -34.51 0.69 -20.21
CA ILE C 3 -33.24 1.11 -19.65
C ILE C 3 -33.28 0.90 -18.15
N VAL C 4 -32.41 0.02 -17.64
CA VAL C 4 -32.33 -0.25 -16.21
C VAL C 4 -30.95 0.18 -15.73
N PRO C 5 -30.89 1.06 -14.72
CA PRO C 5 -29.61 1.52 -14.20
C PRO C 5 -28.73 0.37 -13.68
N THR C 6 -27.42 0.54 -13.83
CA THR C 6 -26.44 -0.45 -13.38
C THR C 6 -25.92 -0.08 -11.98
N LEU C 7 -25.88 -1.06 -11.07
CA LEU C 7 -25.39 -0.81 -9.72
C LEU C 7 -23.87 -0.71 -9.77
N GLN C 8 -23.34 0.33 -9.16
CA GLN C 8 -21.90 0.55 -9.19
C GLN C 8 -21.20 0.46 -7.85
N ASN C 9 -21.92 0.68 -6.74
CA ASN C 9 -21.27 0.66 -5.44
C ASN C 9 -22.27 0.53 -4.29
N ILE C 10 -21.92 -0.24 -3.28
CA ILE C 10 -22.78 -0.44 -2.12
C ILE C 10 -21.94 -0.32 -0.85
N VAL C 11 -22.43 0.44 0.12
CA VAL C 11 -21.74 0.65 1.39
C VAL C 11 -22.53 -0.04 2.50
N ALA C 12 -21.84 -0.72 3.40
CA ALA C 12 -22.50 -1.44 4.48
C ALA C 12 -21.83 -1.30 5.83
N THR C 13 -22.58 -1.60 6.88
CA THR C 13 -22.07 -1.54 8.24
C THR C 13 -22.31 -2.88 8.90
N VAL C 14 -21.41 -3.24 9.82
CA VAL C 14 -21.50 -4.49 10.56
C VAL C 14 -20.85 -4.24 11.92
N THR C 15 -21.37 -4.90 12.93
CA THR C 15 -20.85 -4.79 14.29
C THR C 15 -20.23 -6.15 14.59
N LEU C 16 -18.94 -6.13 14.95
CA LEU C 16 -18.20 -7.35 15.26
C LEU C 16 -18.40 -7.77 16.72
N GLY C 17 -18.89 -6.84 17.53
CA GLY C 17 -19.16 -7.14 18.93
C GLY C 17 -18.03 -7.11 19.94
N CYS C 18 -16.79 -6.91 19.51
CA CYS C 18 -15.67 -6.87 20.43
C CYS C 18 -14.77 -5.70 20.09
N ARG C 19 -13.83 -5.37 20.97
CA ARG C 19 -12.89 -4.29 20.68
C ARG C 19 -11.68 -4.93 20.02
N LEU C 20 -11.06 -4.21 19.11
CA LEU C 20 -9.91 -4.73 18.39
C LEU C 20 -8.65 -3.91 18.62
N ASP C 21 -7.51 -4.58 18.58
CA ASP C 21 -6.22 -3.90 18.70
C ASP C 21 -5.82 -3.76 17.25
N LEU C 22 -6.01 -2.58 16.69
CA LEU C 22 -5.72 -2.31 15.29
C LEU C 22 -4.32 -2.70 14.82
N LYS C 23 -3.30 -2.43 15.64
CA LYS C 23 -1.93 -2.79 15.30
C LYS C 23 -1.76 -4.31 15.16
N THR C 24 -2.40 -5.08 16.02
CA THR C 24 -2.34 -6.54 15.96
C THR C 24 -2.98 -7.03 14.67
N VAL C 25 -4.12 -6.42 14.33
CA VAL C 25 -4.84 -6.77 13.12
C VAL C 25 -3.92 -6.46 11.92
N ALA C 26 -3.35 -5.26 11.92
CA ALA C 26 -2.47 -4.80 10.85
C ALA C 26 -1.27 -5.70 10.66
N LEU C 27 -0.64 -6.08 11.76
CA LEU C 27 0.54 -6.93 11.73
C LEU C 27 0.24 -8.37 11.37
N HIS C 28 -1.03 -8.76 11.42
CA HIS C 28 -1.39 -10.13 11.11
C HIS C 28 -2.31 -10.30 9.91
N ALA C 29 -2.77 -9.19 9.33
CA ALA C 29 -3.63 -9.29 8.18
C ALA C 29 -2.90 -8.86 6.92
N ARG C 30 -3.02 -9.64 5.86
CA ARG C 30 -2.41 -9.32 4.58
C ARG C 30 -3.20 -8.16 3.99
N ASN C 31 -2.52 -7.34 3.19
CA ASN C 31 -3.13 -6.20 2.52
C ASN C 31 -3.92 -5.32 3.47
N ALA C 32 -3.24 -4.84 4.51
CA ALA C 32 -3.88 -3.98 5.51
C ALA C 32 -2.97 -2.80 5.79
N GLU C 33 -3.59 -1.67 6.09
CA GLU C 33 -2.86 -0.45 6.38
C GLU C 33 -3.31 0.09 7.71
N TYR C 34 -2.38 0.63 8.48
CA TYR C 34 -2.71 1.24 9.76
C TYR C 34 -1.84 2.44 10.05
N ASN C 35 -2.40 3.62 9.82
CA ASN C 35 -1.69 4.88 10.06
C ASN C 35 -2.59 5.81 10.90
N PRO C 36 -2.52 5.69 12.24
CA PRO C 36 -3.30 6.50 13.20
C PRO C 36 -3.11 7.99 13.05
N LYS C 37 -2.07 8.39 12.33
CA LYS C 37 -1.81 9.80 12.11
C LYS C 37 -2.63 10.31 10.94
N ARG C 38 -3.23 9.39 10.18
CA ARG C 38 -4.03 9.76 9.03
C ARG C 38 -5.52 9.47 9.22
N PHE C 39 -5.83 8.26 9.64
CA PHE C 39 -7.20 7.86 9.87
C PHE C 39 -7.15 6.74 10.92
N ALA C 40 -7.93 6.88 11.98
CA ALA C 40 -7.94 5.90 13.07
C ALA C 40 -8.74 4.65 12.73
N ALA C 41 -8.23 3.89 11.77
CA ALA C 41 -8.88 2.67 11.34
C ALA C 41 -7.86 1.84 10.55
N VAL C 42 -8.17 0.56 10.39
CA VAL C 42 -7.32 -0.33 9.61
C VAL C 42 -8.04 -0.46 8.27
N ILE C 43 -7.35 -0.13 7.19
CA ILE C 43 -7.92 -0.25 5.86
C ILE C 43 -7.46 -1.60 5.34
N MET C 44 -8.40 -2.46 5.01
CA MET C 44 -8.08 -3.80 4.52
C MET C 44 -8.83 -4.10 3.21
N ARG C 45 -8.19 -4.79 2.27
CA ARG C 45 -8.80 -5.11 0.99
C ARG C 45 -8.73 -6.58 0.61
N ILE C 46 -9.75 -7.05 -0.09
CA ILE C 46 -9.80 -8.42 -0.59
C ILE C 46 -10.16 -8.36 -2.08
N ARG C 47 -9.70 -9.34 -2.85
CA ARG C 47 -9.95 -9.36 -4.29
C ARG C 47 -11.31 -9.91 -4.72
N GLU C 48 -11.87 -10.82 -3.93
CA GLU C 48 -13.17 -11.38 -4.27
C GLU C 48 -14.06 -11.64 -3.05
N PRO C 49 -15.13 -10.84 -2.89
CA PRO C 49 -15.49 -9.73 -3.80
C PRO C 49 -14.53 -8.55 -3.67
N LYS C 50 -14.18 -7.95 -4.79
CA LYS C 50 -13.29 -6.80 -4.78
C LYS C 50 -13.92 -5.67 -4.00
N THR C 51 -13.51 -5.53 -2.75
CA THR C 51 -14.04 -4.51 -1.84
C THR C 51 -12.96 -3.93 -0.92
N THR C 52 -13.31 -2.89 -0.17
CA THR C 52 -12.38 -2.27 0.77
C THR C 52 -13.09 -2.15 2.13
N ALA C 53 -12.37 -2.44 3.21
CA ALA C 53 -12.94 -2.37 4.54
C ALA C 53 -12.25 -1.43 5.50
N LEU C 54 -13.06 -0.69 6.25
CA LEU C 54 -12.59 0.24 7.25
C LEU C 54 -12.95 -0.46 8.55
N ILE C 55 -11.96 -1.03 9.22
CA ILE C 55 -12.17 -1.76 10.47
C ILE C 55 -11.76 -0.86 11.64
N PHE C 56 -12.59 -0.83 12.69
CA PHE C 56 -12.32 0.03 13.84
C PHE C 56 -12.05 -0.71 15.16
N ALA C 57 -11.44 0.03 16.09
CA ALA C 57 -11.09 -0.45 17.42
C ALA C 57 -12.30 -0.85 18.24
N SER C 58 -13.43 -0.24 17.94
CA SER C 58 -14.69 -0.51 18.63
C SER C 58 -15.30 -1.81 18.12
N GLY C 59 -14.78 -2.32 17.01
CA GLY C 59 -15.31 -3.52 16.42
C GLY C 59 -16.29 -3.15 15.32
N LYS C 60 -16.46 -1.85 15.10
CA LYS C 60 -17.33 -1.34 14.05
C LYS C 60 -16.61 -1.46 12.72
N MET C 61 -17.35 -1.79 11.67
CA MET C 61 -16.74 -1.93 10.35
C MET C 61 -17.63 -1.43 9.21
N VAL C 62 -16.98 -0.85 8.20
CA VAL C 62 -17.66 -0.33 7.01
C VAL C 62 -17.03 -1.05 5.81
N VAL C 63 -17.86 -1.54 4.89
CA VAL C 63 -17.36 -2.23 3.70
C VAL C 63 -17.91 -1.50 2.47
N THR C 64 -17.04 -1.20 1.50
CA THR C 64 -17.43 -0.47 0.30
C THR C 64 -17.04 -1.11 -1.03
N GLY C 65 -17.54 -0.56 -2.13
CA GLY C 65 -17.21 -1.05 -3.45
C GLY C 65 -17.94 -2.25 -4.02
N ALA C 66 -18.73 -2.93 -3.20
CA ALA C 66 -19.49 -4.09 -3.69
C ALA C 66 -20.52 -3.60 -4.71
N LYS C 67 -20.90 -4.47 -5.63
CA LYS C 67 -21.87 -4.11 -6.66
C LYS C 67 -23.18 -4.88 -6.59
N SER C 68 -23.39 -5.63 -5.51
CA SER C 68 -24.61 -6.39 -5.33
C SER C 68 -24.79 -6.67 -3.85
N GLU C 69 -26.04 -6.84 -3.42
CA GLU C 69 -26.32 -7.11 -2.01
C GLU C 69 -25.60 -8.38 -1.56
N ASP C 70 -25.60 -9.41 -2.40
CA ASP C 70 -24.93 -10.67 -2.11
C ASP C 70 -23.42 -10.49 -1.89
N ASP C 71 -22.75 -9.76 -2.79
CA ASP C 71 -21.33 -9.49 -2.68
C ASP C 71 -21.01 -8.70 -1.42
N SER C 72 -21.80 -7.67 -1.17
CA SER C 72 -21.63 -6.82 0.00
C SER C 72 -21.61 -7.67 1.27
N LYS C 73 -22.63 -8.51 1.47
CA LYS C 73 -22.68 -9.34 2.66
C LYS C 73 -21.57 -10.39 2.70
N LEU C 74 -21.29 -11.00 1.54
CA LEU C 74 -20.24 -12.01 1.44
C LEU C 74 -18.87 -11.47 1.85
N ALA C 75 -18.49 -10.32 1.28
CA ALA C 75 -17.20 -9.69 1.59
C ALA C 75 -17.14 -9.39 3.07
N SER C 76 -18.21 -8.77 3.58
CA SER C 76 -18.32 -8.42 4.99
C SER C 76 -18.04 -9.65 5.87
N ARG C 77 -18.59 -10.80 5.48
CA ARG C 77 -18.36 -12.04 6.23
C ARG C 77 -16.89 -12.44 6.16
N LYS C 78 -16.29 -12.30 4.97
CA LYS C 78 -14.88 -12.64 4.80
C LYS C 78 -13.98 -11.84 5.73
N TYR C 79 -14.18 -10.53 5.78
CA TYR C 79 -13.37 -9.70 6.68
C TYR C 79 -13.57 -10.21 8.11
N ALA C 80 -14.83 -10.52 8.46
CA ALA C 80 -15.19 -11.04 9.79
C ALA C 80 -14.37 -12.27 10.18
N ARG C 81 -14.32 -13.27 9.30
CA ARG C 81 -13.54 -14.49 9.54
C ARG C 81 -12.07 -14.17 9.74
N ILE C 82 -11.53 -13.33 8.87
CA ILE C 82 -10.13 -12.92 8.94
C ILE C 82 -9.81 -12.34 10.32
N ILE C 83 -10.67 -11.46 10.81
CA ILE C 83 -10.48 -10.88 12.12
C ILE C 83 -10.52 -12.00 13.18
N GLN C 84 -11.56 -12.84 13.12
CA GLN C 84 -11.70 -13.96 14.06
C GLN C 84 -10.46 -14.86 14.09
N LYS C 85 -9.99 -15.25 12.90
CA LYS C 85 -8.82 -16.12 12.78
C LYS C 85 -7.60 -15.50 13.45
N ILE C 86 -7.55 -14.18 13.49
CA ILE C 86 -6.43 -13.47 14.12
C ILE C 86 -6.49 -13.65 15.63
N GLY C 87 -7.66 -14.06 16.13
CA GLY C 87 -7.79 -14.29 17.56
C GLY C 87 -8.86 -13.48 18.26
N PHE C 88 -9.48 -12.56 17.55
CA PHE C 88 -10.51 -11.72 18.16
C PHE C 88 -11.88 -12.39 18.13
N ALA C 89 -12.58 -12.35 19.26
CA ALA C 89 -13.91 -12.94 19.38
C ALA C 89 -14.97 -12.10 18.67
N ALA C 90 -14.85 -11.99 17.35
CA ALA C 90 -15.78 -11.21 16.55
C ALA C 90 -17.04 -12.00 16.16
N LYS C 91 -18.11 -11.27 15.93
CA LYS C 91 -19.38 -11.84 15.52
C LYS C 91 -19.84 -11.01 14.33
N PHE C 92 -20.82 -11.52 13.58
CA PHE C 92 -21.35 -10.82 12.43
C PHE C 92 -22.75 -10.33 12.79
N THR C 93 -22.85 -9.17 13.42
CA THR C 93 -24.16 -8.67 13.81
C THR C 93 -24.56 -7.34 13.18
N ASP C 94 -25.86 -7.18 12.96
CA ASP C 94 -26.44 -5.98 12.40
C ASP C 94 -25.94 -5.56 11.02
N PHE C 95 -25.79 -6.50 10.09
CA PHE C 95 -25.34 -6.12 8.76
C PHE C 95 -26.37 -5.18 8.12
N LYS C 96 -25.93 -4.02 7.66
CA LYS C 96 -26.86 -3.09 7.04
C LYS C 96 -26.32 -2.31 5.87
N ILE C 97 -27.04 -2.38 4.74
CA ILE C 97 -26.68 -1.64 3.54
C ILE C 97 -27.18 -0.21 3.81
N GLN C 98 -26.26 0.74 3.73
CA GLN C 98 -26.53 2.13 4.01
C GLN C 98 -26.70 3.01 2.78
N ASN C 99 -26.08 2.62 1.67
CA ASN C 99 -26.14 3.39 0.43
C ASN C 99 -25.88 2.51 -0.78
N ILE C 100 -26.55 2.84 -1.87
CA ILE C 100 -26.41 2.10 -3.13
C ILE C 100 -26.34 3.16 -4.24
N VAL C 101 -25.33 3.04 -5.09
CA VAL C 101 -25.12 3.96 -6.21
C VAL C 101 -25.39 3.21 -7.51
N GLY C 102 -25.99 3.90 -8.48
CA GLY C 102 -26.29 3.30 -9.77
C GLY C 102 -26.04 4.34 -10.86
N SER C 103 -25.97 3.90 -12.12
CA SER C 103 -25.77 4.83 -13.24
C SER C 103 -26.38 4.26 -14.52
N CYS C 104 -26.69 5.14 -15.46
CA CYS C 104 -27.24 4.72 -16.75
C CYS C 104 -27.01 5.77 -17.83
N ASP C 105 -27.26 5.38 -19.08
CA ASP C 105 -27.06 6.22 -20.24
C ASP C 105 -28.35 6.22 -21.06
N VAL C 106 -28.96 7.39 -21.23
CA VAL C 106 -30.19 7.51 -22.00
C VAL C 106 -29.90 7.58 -23.51
N LYS C 107 -28.66 7.94 -23.84
CA LYS C 107 -28.20 8.03 -25.21
C LYS C 107 -28.68 9.22 -26.06
N PHE C 108 -28.78 10.39 -25.44
CA PHE C 108 -29.17 11.61 -26.14
C PHE C 108 -28.77 12.79 -25.28
N PRO C 109 -28.35 13.91 -25.91
CA PRO C 109 -27.93 15.12 -25.20
C PRO C 109 -29.07 15.69 -24.38
N ILE C 110 -28.73 16.46 -23.35
CA ILE C 110 -29.71 17.04 -22.45
C ILE C 110 -29.49 18.55 -22.24
N ARG C 111 -30.58 19.31 -22.31
CA ARG C 111 -30.55 20.75 -22.11
C ARG C 111 -30.62 21.07 -20.62
N LEU C 112 -29.46 21.03 -19.96
CA LEU C 112 -29.38 21.27 -18.53
C LEU C 112 -29.94 22.59 -18.00
N GLU C 113 -29.58 23.71 -18.62
CA GLU C 113 -30.08 25.00 -18.17
C GLU C 113 -31.61 25.01 -18.15
N GLY C 114 -32.20 24.48 -19.22
CA GLY C 114 -33.65 24.40 -19.30
C GLY C 114 -34.18 23.54 -18.18
N LEU C 115 -33.61 22.35 -18.02
CA LEU C 115 -34.03 21.43 -16.97
C LEU C 115 -34.02 22.12 -15.60
N ALA C 116 -32.93 22.84 -15.34
CA ALA C 116 -32.76 23.55 -14.09
C ALA C 116 -33.86 24.58 -13.81
N PHE C 117 -34.15 25.41 -14.81
CA PHE C 117 -35.17 26.45 -14.66
C PHE C 117 -36.58 25.92 -14.44
N SER C 118 -36.94 24.88 -15.17
CA SER C 118 -38.27 24.30 -15.02
C SER C 118 -38.43 23.65 -13.64
N HIS C 119 -37.40 22.96 -13.18
CA HIS C 119 -37.42 22.29 -11.88
C HIS C 119 -36.52 22.90 -10.82
N GLY C 120 -36.52 24.22 -10.75
CA GLY C 120 -35.68 24.93 -9.80
C GLY C 120 -35.77 24.48 -8.35
N THR C 121 -36.93 24.00 -7.94
CA THR C 121 -37.09 23.55 -6.56
C THR C 121 -36.17 22.38 -6.21
N PHE C 122 -35.78 21.59 -7.20
CA PHE C 122 -34.93 20.42 -6.98
C PHE C 122 -33.57 20.51 -7.64
N SER C 123 -33.46 21.35 -8.68
CA SER C 123 -32.23 21.45 -9.44
C SER C 123 -31.18 22.46 -9.02
N SER C 124 -29.93 22.05 -9.17
CA SER C 124 -28.78 22.87 -8.85
C SER C 124 -27.83 22.71 -10.04
N TYR C 125 -27.55 23.80 -10.75
CA TYR C 125 -26.69 23.74 -11.93
C TYR C 125 -25.76 24.94 -12.08
N GLU C 126 -24.48 24.71 -11.79
CA GLU C 126 -23.43 25.72 -11.88
C GLU C 126 -22.31 25.01 -12.64
N PRO C 127 -22.44 24.90 -13.98
CA PRO C 127 -21.48 24.25 -14.87
C PRO C 127 -20.03 24.67 -14.69
N GLU C 128 -19.83 25.90 -14.21
CA GLU C 128 -18.50 26.42 -13.99
C GLU C 128 -17.90 25.78 -12.75
N LEU C 129 -18.77 25.40 -11.81
CA LEU C 129 -18.34 24.77 -10.57
C LEU C 129 -18.23 23.25 -10.75
N PHE C 130 -19.26 22.68 -11.39
CA PHE C 130 -19.33 21.24 -11.67
C PHE C 130 -20.20 21.14 -12.91
N PRO C 131 -19.76 20.37 -13.92
CA PRO C 131 -20.46 20.15 -15.20
C PRO C 131 -21.79 19.40 -15.19
N GLY C 132 -22.17 18.84 -14.05
CA GLY C 132 -23.43 18.13 -13.97
C GLY C 132 -24.52 18.83 -13.18
N LEU C 133 -25.76 18.46 -13.43
CA LEU C 133 -26.90 19.04 -12.72
C LEU C 133 -27.22 18.14 -11.53
N ILE C 134 -27.30 18.75 -10.35
CA ILE C 134 -27.61 18.04 -9.12
C ILE C 134 -29.12 18.10 -8.85
N TYR C 135 -29.81 17.01 -9.17
CA TYR C 135 -31.26 16.93 -9.00
C TYR C 135 -31.63 16.12 -7.77
N ARG C 136 -32.21 16.77 -6.77
CA ARG C 136 -32.61 16.11 -5.53
C ARG C 136 -34.08 15.74 -5.57
N MET C 137 -34.33 14.45 -5.76
CA MET C 137 -35.68 13.91 -5.83
C MET C 137 -36.25 13.69 -4.42
N VAL C 138 -37.50 14.08 -4.24
CA VAL C 138 -38.17 13.92 -2.95
C VAL C 138 -38.84 12.55 -2.88
N LYS C 139 -39.48 12.17 -3.98
CA LYS C 139 -40.21 10.90 -4.10
C LYS C 139 -39.25 9.84 -3.58
N PRO C 140 -38.57 9.04 -4.43
CA PRO C 140 -37.71 8.18 -3.63
C PRO C 140 -36.60 9.19 -3.27
N LYS C 141 -36.26 9.32 -1.99
CA LYS C 141 -35.24 10.28 -1.60
C LYS C 141 -33.92 9.88 -2.25
N ILE C 142 -33.72 10.33 -3.48
CA ILE C 142 -32.54 10.00 -4.27
C ILE C 142 -31.96 11.26 -4.89
N VAL C 143 -30.63 11.31 -4.99
CA VAL C 143 -29.95 12.44 -5.60
C VAL C 143 -29.40 11.93 -6.94
N LEU C 144 -29.70 12.65 -8.02
CA LEU C 144 -29.27 12.28 -9.36
C LEU C 144 -28.29 13.30 -9.92
N LEU C 145 -27.31 12.82 -10.67
CA LEU C 145 -26.33 13.67 -11.31
C LEU C 145 -26.57 13.54 -12.80
N ILE C 146 -27.21 14.56 -13.37
CA ILE C 146 -27.59 14.59 -14.79
C ILE C 146 -26.58 15.37 -15.63
N PHE C 147 -26.10 14.74 -16.69
CA PHE C 147 -25.10 15.35 -17.56
C PHE C 147 -25.61 15.57 -18.99
N VAL C 148 -25.13 16.62 -19.64
CA VAL C 148 -25.55 16.95 -21.00
C VAL C 148 -25.39 15.82 -22.03
N SER C 149 -24.57 14.83 -21.70
CA SER C 149 -24.33 13.70 -22.60
C SER C 149 -25.42 12.64 -22.52
N GLY C 150 -26.25 12.74 -21.49
CA GLY C 150 -27.32 11.78 -21.31
C GLY C 150 -26.96 10.69 -20.31
N LYS C 151 -25.84 10.84 -19.63
CA LYS C 151 -25.44 9.87 -18.63
C LYS C 151 -25.96 10.35 -17.28
N ILE C 152 -26.45 9.40 -16.49
CA ILE C 152 -27.02 9.69 -15.17
C ILE C 152 -26.36 8.90 -14.04
N VAL C 153 -26.20 9.55 -12.89
CA VAL C 153 -25.67 8.90 -11.70
C VAL C 153 -26.81 9.03 -10.68
N LEU C 154 -27.13 7.95 -9.99
CA LEU C 154 -28.20 7.96 -8.99
C LEU C 154 -27.62 7.43 -7.69
N THR C 155 -27.79 8.17 -6.59
CA THR C 155 -27.24 7.73 -5.30
C THR C 155 -28.11 8.09 -4.09
N GLY C 156 -27.77 7.47 -2.95
CA GLY C 156 -28.48 7.70 -1.71
C GLY C 156 -29.54 6.68 -1.39
N ALA C 157 -29.53 5.53 -2.05
CA ALA C 157 -30.57 4.52 -1.84
C ALA C 157 -30.28 3.49 -0.76
N LYS C 158 -31.34 3.03 -0.11
CA LYS C 158 -31.25 2.00 0.91
C LYS C 158 -31.51 0.65 0.23
N GLN C 159 -32.30 0.66 -0.85
CA GLN C 159 -32.58 -0.54 -1.61
C GLN C 159 -32.59 -0.22 -3.10
N ARG C 160 -32.18 -1.18 -3.94
CA ARG C 160 -32.09 -0.97 -5.38
C ARG C 160 -33.35 -0.45 -6.09
N GLU C 161 -34.53 -0.88 -5.64
CA GLU C 161 -35.78 -0.46 -6.28
C GLU C 161 -35.95 1.06 -6.25
N GLU C 162 -35.29 1.72 -5.30
CA GLU C 162 -35.33 3.18 -5.18
C GLU C 162 -34.57 3.80 -6.35
N ILE C 163 -33.42 3.22 -6.68
CA ILE C 163 -32.59 3.70 -7.81
C ILE C 163 -33.45 3.55 -9.06
N TYR C 164 -34.04 2.36 -9.21
CA TYR C 164 -34.89 2.02 -10.34
C TYR C 164 -36.05 3.01 -10.50
N GLN C 165 -36.83 3.16 -9.43
CA GLN C 165 -37.97 4.08 -9.46
C GLN C 165 -37.57 5.53 -9.71
N ALA C 166 -36.45 5.95 -9.14
CA ALA C 166 -35.98 7.31 -9.32
C ALA C 166 -35.70 7.58 -10.80
N PHE C 167 -35.20 6.58 -11.52
CA PHE C 167 -34.92 6.76 -12.93
C PHE C 167 -36.19 6.78 -13.76
N GLU C 168 -37.16 5.94 -13.42
CA GLU C 168 -38.42 5.92 -14.15
C GLU C 168 -39.12 7.28 -14.00
N ALA C 169 -38.98 7.89 -12.84
CA ALA C 169 -39.57 9.20 -12.60
C ALA C 169 -38.88 10.28 -13.43
N ILE C 170 -37.56 10.24 -13.49
CA ILE C 170 -36.79 11.25 -14.23
C ILE C 170 -36.79 11.11 -15.75
N TYR C 171 -36.92 9.88 -16.24
CA TYR C 171 -36.90 9.65 -17.69
C TYR C 171 -37.78 10.58 -18.54
N PRO C 172 -39.07 10.74 -18.17
CA PRO C 172 -39.93 11.64 -18.97
C PRO C 172 -39.34 13.03 -19.05
N VAL C 173 -38.80 13.51 -17.93
CA VAL C 173 -38.18 14.83 -17.87
C VAL C 173 -36.97 14.92 -18.81
N LEU C 174 -36.24 13.81 -18.95
CA LEU C 174 -35.07 13.77 -19.82
C LEU C 174 -35.49 13.92 -21.30
N SER C 175 -36.55 13.22 -21.68
CA SER C 175 -37.05 13.31 -23.05
C SER C 175 -37.53 14.73 -23.27
N GLU C 176 -38.18 15.28 -22.24
CA GLU C 176 -38.72 16.63 -22.26
C GLU C 176 -37.65 17.71 -22.50
N PHE C 177 -36.40 17.41 -22.15
CA PHE C 177 -35.31 18.37 -22.34
C PHE C 177 -34.18 17.89 -23.23
N ARG C 178 -34.51 16.98 -24.14
CA ARG C 178 -33.55 16.41 -25.07
C ARG C 178 -33.02 17.49 -26.02
N LYS C 179 -31.70 17.59 -26.12
CA LYS C 179 -31.07 18.58 -27.00
C LYS C 179 -30.55 17.90 -28.25
N MET C 180 -31.26 18.07 -29.35
CA MET C 180 -30.86 17.46 -30.62
C MET C 180 -31.27 18.35 -31.78
N SER D 1 24.18 -8.88 -11.93
CA SER D 1 25.61 -8.54 -11.77
C SER D 1 25.75 -7.03 -11.76
N ASN D 2 26.52 -6.50 -10.81
CA ASN D 2 26.72 -5.07 -10.68
C ASN D 2 28.11 -4.77 -10.11
N ALA D 3 28.73 -3.71 -10.62
CA ALA D 3 30.06 -3.29 -10.15
C ALA D 3 29.89 -2.26 -9.04
N GLU D 4 28.96 -1.31 -9.23
CA GLU D 4 28.71 -0.28 -8.22
C GLU D 4 28.47 -0.96 -6.87
N ALA D 5 27.79 -2.10 -6.91
CA ALA D 5 27.50 -2.84 -5.69
C ALA D 5 28.80 -3.22 -4.97
N SER D 6 29.69 -3.91 -5.68
CA SER D 6 30.96 -4.33 -5.08
C SER D 6 31.77 -3.14 -4.57
N ARG D 7 31.69 -2.01 -5.27
CA ARG D 7 32.39 -0.80 -4.85
C ARG D 7 31.78 -0.30 -3.53
N VAL D 8 30.45 -0.24 -3.49
CA VAL D 8 29.73 0.21 -2.29
C VAL D 8 30.11 -0.70 -1.12
N TYR D 9 30.09 -2.00 -1.37
CA TYR D 9 30.44 -3.01 -0.38
C TYR D 9 31.85 -2.77 0.14
N GLU D 10 32.76 -2.45 -0.77
CA GLU D 10 34.15 -2.19 -0.39
C GLU D 10 34.20 -0.96 0.50
N ILE D 11 33.49 0.10 0.12
CA ILE D 11 33.47 1.33 0.90
C ILE D 11 32.95 1.01 2.32
N ILE D 12 31.90 0.21 2.40
CA ILE D 12 31.30 -0.17 3.68
C ILE D 12 32.29 -0.89 4.60
N VAL D 13 32.94 -1.93 4.09
CA VAL D 13 33.91 -2.69 4.88
C VAL D 13 35.05 -1.78 5.36
N GLU D 14 35.70 -1.09 4.44
CA GLU D 14 36.80 -0.20 4.80
C GLU D 14 36.37 0.87 5.80
N SER D 15 35.24 1.52 5.53
CA SER D 15 34.75 2.57 6.39
C SER D 15 34.41 2.08 7.81
N VAL D 16 33.69 0.96 7.90
CA VAL D 16 33.30 0.40 9.19
C VAL D 16 34.53 0.02 10.02
N VAL D 17 35.44 -0.76 9.44
CA VAL D 17 36.65 -1.20 10.12
C VAL D 17 37.44 -0.06 10.78
N ASN D 18 37.80 0.95 9.99
CA ASN D 18 38.54 2.08 10.51
C ASN D 18 37.83 2.81 11.64
N GLU D 19 36.50 2.92 11.56
CA GLU D 19 35.72 3.58 12.61
C GLU D 19 35.71 2.73 13.86
N VAL D 20 35.45 1.45 13.68
CA VAL D 20 35.38 0.47 14.76
C VAL D 20 36.71 0.34 15.50
N ARG D 21 37.81 0.67 14.84
CA ARG D 21 39.14 0.56 15.45
C ARG D 21 39.26 1.24 16.80
N GLU D 22 38.69 2.43 16.95
CA GLU D 22 38.77 3.15 18.22
C GLU D 22 38.21 2.27 19.32
N ASP D 23 36.97 1.84 19.17
CA ASP D 23 36.31 0.98 20.15
C ASP D 23 37.12 -0.28 20.37
N PHE D 24 37.66 -0.85 19.29
CA PHE D 24 38.47 -2.05 19.39
C PHE D 24 39.70 -1.80 20.27
N GLU D 25 40.33 -0.65 20.10
CA GLU D 25 41.50 -0.28 20.87
C GLU D 25 41.12 0.05 22.30
N ASN D 26 39.92 0.62 22.49
CA ASN D 26 39.43 0.96 23.82
C ASN D 26 39.20 -0.34 24.60
N ALA D 27 38.53 -1.30 23.98
CA ALA D 27 38.26 -2.59 24.61
C ALA D 27 39.52 -3.42 24.77
N GLY D 28 40.66 -2.85 24.39
CA GLY D 28 41.93 -3.56 24.48
C GLY D 28 41.86 -4.97 23.93
N ILE D 29 41.19 -5.13 22.80
CA ILE D 29 41.07 -6.45 22.19
C ILE D 29 42.31 -6.85 21.39
N ASP D 30 42.43 -6.38 20.15
CA ASP D 30 43.58 -6.74 19.32
C ASP D 30 43.43 -6.26 17.87
N GLU D 31 44.44 -5.54 17.36
CA GLU D 31 44.41 -5.05 15.98
C GLU D 31 44.25 -6.21 15.00
N GLN D 32 44.90 -7.33 15.30
CA GLN D 32 44.81 -8.48 14.42
C GLN D 32 43.45 -9.18 14.54
N THR D 33 42.71 -8.86 15.60
CA THR D 33 41.38 -9.42 15.78
C THR D 33 40.47 -8.63 14.84
N LEU D 34 40.71 -7.32 14.79
CA LEU D 34 39.97 -6.40 13.90
C LEU D 34 40.23 -6.88 12.48
N GLN D 35 41.48 -7.20 12.19
CA GLN D 35 41.88 -7.70 10.89
C GLN D 35 41.17 -9.00 10.56
N ASP D 36 40.95 -9.84 11.57
CA ASP D 36 40.25 -11.10 11.37
C ASP D 36 38.80 -10.81 11.03
N LEU D 37 38.17 -9.91 11.80
CA LEU D 37 36.78 -9.52 11.56
C LEU D 37 36.63 -9.13 10.09
N LYS D 38 37.56 -8.29 9.64
CA LYS D 38 37.58 -7.80 8.26
C LYS D 38 37.69 -8.96 7.27
N ASN D 39 38.66 -9.83 7.49
CA ASN D 39 38.85 -10.97 6.60
C ASN D 39 37.70 -11.99 6.57
N ILE D 40 37.10 -12.25 7.73
CA ILE D 40 35.97 -13.19 7.82
C ILE D 40 34.72 -12.58 7.16
N TRP D 41 34.43 -11.33 7.51
CA TRP D 41 33.29 -10.61 6.96
C TRP D 41 33.42 -10.64 5.44
N GLN D 42 34.58 -10.25 4.94
CA GLN D 42 34.81 -10.25 3.50
C GLN D 42 34.80 -11.66 2.92
N LYS D 43 35.09 -12.65 3.76
CA LYS D 43 35.10 -14.05 3.34
C LYS D 43 33.67 -14.54 3.16
N LYS D 44 32.84 -14.32 4.17
CA LYS D 44 31.43 -14.72 4.15
C LYS D 44 30.80 -14.05 2.93
N LEU D 45 31.01 -12.75 2.82
CA LEU D 45 30.48 -11.95 1.72
C LEU D 45 30.90 -12.52 0.38
N THR D 46 32.07 -13.16 0.35
CA THR D 46 32.59 -13.77 -0.88
C THR D 46 32.79 -12.71 -1.97
N GLU E 34 17.33 -13.31 -0.69
CA GLU E 34 16.42 -14.17 -1.51
C GLU E 34 15.38 -13.28 -2.16
N ASN E 35 15.85 -12.36 -3.00
CA ASN E 35 14.99 -11.41 -3.68
C ASN E 35 14.33 -10.50 -2.66
N LEU E 36 15.19 -9.77 -1.95
CA LEU E 36 14.77 -8.85 -0.92
C LEU E 36 15.39 -7.48 -1.20
N MET E 37 14.54 -6.45 -1.16
CA MET E 37 14.98 -5.08 -1.37
C MET E 37 14.77 -4.32 -0.06
N LEU E 38 15.85 -3.73 0.45
CA LEU E 38 15.80 -2.93 1.68
C LEU E 38 16.11 -1.49 1.24
N CYS E 39 15.26 -0.55 1.63
CA CYS E 39 15.42 0.84 1.25
C CYS E 39 14.54 1.82 2.04
N LEU E 40 14.43 3.04 1.53
CA LEU E 40 13.61 4.10 2.13
C LEU E 40 12.55 4.49 1.09
N TYR E 41 11.37 4.94 1.56
CA TYR E 41 10.33 5.38 0.63
C TYR E 41 10.10 6.87 0.74
N ASP E 42 9.94 7.52 -0.41
CA ASP E 42 9.68 8.94 -0.49
C ASP E 42 8.17 9.15 -0.60
N LYS E 43 7.55 8.34 -1.46
CA LYS E 43 6.13 8.45 -1.68
C LYS E 43 5.55 7.14 -2.20
N VAL E 44 4.33 6.84 -1.78
CA VAL E 44 3.61 5.66 -2.22
C VAL E 44 2.21 6.15 -2.53
N THR E 45 1.70 5.82 -3.72
CA THR E 45 0.36 6.26 -4.09
C THR E 45 -0.40 5.11 -4.70
N ARG E 46 -1.70 5.29 -4.88
CA ARG E 46 -2.55 4.25 -5.46
C ARG E 46 -3.77 4.91 -6.08
N THR E 47 -4.22 4.35 -7.20
CA THR E 47 -5.41 4.83 -7.90
C THR E 47 -6.00 3.54 -8.42
N LYS E 48 -7.18 3.18 -7.90
CA LYS E 48 -7.80 1.93 -8.29
C LYS E 48 -6.82 0.85 -7.85
N ALA E 49 -6.49 -0.11 -8.70
CA ALA E 49 -5.54 -1.16 -8.33
C ALA E 49 -4.12 -0.90 -8.83
N ARG E 50 -3.77 0.36 -9.09
CA ARG E 50 -2.44 0.68 -9.58
C ARG E 50 -1.62 1.41 -8.52
N TRP E 51 -0.50 0.81 -8.11
CA TRP E 51 0.35 1.38 -7.09
C TRP E 51 1.66 1.87 -7.68
N LYS E 52 2.16 2.98 -7.14
CA LYS E 52 3.41 3.56 -7.59
C LYS E 52 4.21 3.92 -6.36
N CYS E 53 5.52 3.68 -6.40
CA CYS E 53 6.37 3.94 -5.26
C CYS E 53 7.71 4.56 -5.64
N SER E 54 8.08 5.63 -4.94
CA SER E 54 9.35 6.31 -5.18
C SER E 54 10.29 5.91 -4.05
N LEU E 55 11.18 4.97 -4.35
CA LEU E 55 12.15 4.46 -3.37
C LEU E 55 13.49 5.16 -3.51
N LYS E 56 14.29 5.14 -2.44
CA LYS E 56 15.59 5.77 -2.44
C LYS E 56 16.59 4.94 -1.65
N ASP E 57 17.87 5.26 -1.83
CA ASP E 57 19.00 4.65 -1.12
C ASP E 57 18.76 3.21 -0.68
N GLY E 58 18.91 2.26 -1.61
CA GLY E 58 18.67 0.88 -1.25
C GLY E 58 19.62 -0.16 -1.82
N VAL E 59 19.38 -1.40 -1.42
CA VAL E 59 20.18 -2.53 -1.87
C VAL E 59 19.25 -3.71 -2.10
N VAL E 60 19.46 -4.43 -3.21
CA VAL E 60 18.64 -5.58 -3.59
C VAL E 60 19.47 -6.79 -3.97
N THR E 61 18.89 -7.98 -3.75
CA THR E 61 19.53 -9.22 -4.16
C THR E 61 18.47 -9.85 -5.04
N ILE E 62 18.74 -9.90 -6.34
CA ILE E 62 17.83 -10.46 -7.32
C ILE E 62 18.57 -11.59 -8.01
N ASN E 63 18.02 -12.79 -7.92
CA ASN E 63 18.63 -13.96 -8.56
C ASN E 63 20.13 -14.07 -8.24
N ARG E 64 20.44 -14.11 -6.95
CA ARG E 64 21.82 -14.23 -6.48
C ARG E 64 22.78 -13.08 -6.82
N ASN E 65 22.27 -12.01 -7.42
CA ASN E 65 23.10 -10.85 -7.76
C ASN E 65 22.67 -9.64 -6.94
N ASP E 66 23.63 -8.78 -6.60
CA ASP E 66 23.34 -7.61 -5.77
C ASP E 66 23.44 -6.28 -6.51
N TYR E 67 22.45 -5.42 -6.27
CA TYR E 67 22.41 -4.10 -6.88
C TYR E 67 22.23 -3.10 -5.78
N THR E 68 22.78 -1.91 -5.96
CA THR E 68 22.65 -0.82 -5.00
C THR E 68 22.14 0.36 -5.81
N PHE E 69 21.18 1.10 -5.29
CA PHE E 69 20.63 2.20 -6.06
C PHE E 69 20.38 3.48 -5.27
N GLN E 70 20.28 4.59 -6.00
CA GLN E 70 20.03 5.91 -5.45
C GLN E 70 18.52 6.09 -5.41
N LYS E 71 17.88 5.73 -6.53
CA LYS E 71 16.43 5.84 -6.69
C LYS E 71 15.83 4.64 -7.41
N ALA E 72 14.56 4.38 -7.15
CA ALA E 72 13.82 3.27 -7.76
C ALA E 72 12.33 3.61 -7.87
N GLN E 73 11.71 3.24 -8.97
CA GLN E 73 10.29 3.50 -9.17
C GLN E 73 9.60 2.16 -9.31
N VAL E 74 8.52 1.97 -8.57
CA VAL E 74 7.75 0.72 -8.59
C VAL E 74 6.34 0.98 -9.15
N GLU E 75 5.99 0.25 -10.20
CA GLU E 75 4.68 0.33 -10.83
C GLU E 75 4.08 -1.06 -10.78
N ALA E 76 3.16 -1.26 -9.85
CA ALA E 76 2.55 -2.58 -9.67
C ALA E 76 1.03 -2.55 -9.67
N GLU E 77 0.43 -3.57 -10.28
CA GLU E 77 -1.02 -3.68 -10.36
C GLU E 77 -1.53 -4.74 -9.42
N TRP E 78 -2.38 -4.32 -8.48
CA TRP E 78 -2.99 -5.25 -7.54
C TRP E 78 -4.26 -5.72 -8.25
N VAL E 79 -4.91 -6.76 -7.74
CA VAL E 79 -6.12 -7.27 -8.39
C VAL E 79 -7.39 -6.76 -7.68
N GLY F 4 18.60 7.01 15.99
CA GLY F 4 18.64 7.27 14.54
C GLY F 4 19.19 6.06 13.82
N TYR F 5 19.15 6.08 12.49
CA TYR F 5 19.63 4.97 11.66
C TYR F 5 18.86 3.68 11.91
N TYR F 6 18.16 3.22 10.89
CA TYR F 6 17.36 2.00 10.95
C TYR F 6 18.30 0.80 10.89
N GLU F 7 17.87 -0.33 11.45
CA GLU F 7 18.67 -1.55 11.45
C GLU F 7 18.28 -2.50 10.32
N LEU F 8 17.45 -2.05 9.38
CA LEU F 8 17.01 -2.93 8.30
C LEU F 8 18.09 -3.48 7.38
N TYR F 9 19.14 -2.71 7.16
CA TYR F 9 20.21 -3.15 6.28
C TYR F 9 21.03 -4.32 6.82
N ARG F 10 20.77 -4.74 8.06
CA ARG F 10 21.49 -5.88 8.65
C ARG F 10 21.00 -7.17 8.02
N ARG F 11 19.83 -7.10 7.39
CA ARG F 11 19.23 -8.25 6.73
C ARG F 11 19.77 -8.42 5.32
N SER F 12 20.61 -7.49 4.88
CA SER F 12 21.16 -7.58 3.54
C SER F 12 22.32 -8.57 3.51
N THR F 13 22.77 -8.92 2.32
CA THR F 13 23.87 -9.85 2.14
C THR F 13 25.07 -9.34 2.95
N ILE F 14 25.44 -8.09 2.77
CA ILE F 14 26.57 -7.55 3.50
C ILE F 14 26.31 -7.49 5.02
N GLY F 15 25.06 -7.22 5.40
CA GLY F 15 24.68 -7.15 6.80
C GLY F 15 24.71 -8.50 7.50
N ASN F 16 24.17 -9.53 6.87
CA ASN F 16 24.17 -10.86 7.46
C ASN F 16 25.61 -11.33 7.64
N SER F 17 26.43 -11.13 6.61
CA SER F 17 27.84 -11.52 6.65
C SER F 17 28.54 -10.93 7.85
N LEU F 18 28.29 -9.64 8.11
CA LEU F 18 28.87 -8.97 9.27
C LEU F 18 28.41 -9.66 10.55
N VAL F 19 27.10 -9.88 10.66
CA VAL F 19 26.52 -10.55 11.83
C VAL F 19 27.22 -11.88 12.08
N ASP F 20 27.31 -12.69 11.04
CA ASP F 20 27.94 -14.00 11.12
C ASP F 20 29.40 -13.91 11.55
N ALA F 21 30.15 -12.96 10.99
CA ALA F 21 31.55 -12.78 11.36
C ALA F 21 31.66 -12.48 12.86
N LEU F 22 30.95 -11.45 13.31
CA LEU F 22 30.96 -11.07 14.71
C LEU F 22 30.53 -12.21 15.64
N ASP F 23 29.43 -12.90 15.30
CA ASP F 23 28.95 -14.00 16.11
C ASP F 23 30.06 -15.02 16.33
N THR F 24 30.87 -15.24 15.30
CA THR F 24 31.98 -16.18 15.39
C THR F 24 33.05 -15.68 16.34
N LEU F 25 33.49 -14.43 16.17
CA LEU F 25 34.51 -13.87 17.05
C LEU F 25 34.09 -13.98 18.52
N ILE F 26 32.80 -13.85 18.77
CA ILE F 26 32.26 -13.95 20.13
C ILE F 26 32.33 -15.40 20.63
N SER F 27 31.60 -16.28 19.94
CA SER F 27 31.55 -17.68 20.33
C SER F 27 32.87 -18.43 20.14
N ASP F 28 33.30 -18.54 18.89
CA ASP F 28 34.54 -19.23 18.54
C ASP F 28 35.70 -18.77 19.41
N GLY F 29 35.82 -17.46 19.58
CA GLY F 29 36.89 -16.91 20.38
C GLY F 29 36.43 -16.57 21.78
N ARG F 30 36.78 -15.37 22.20
CA ARG F 30 36.45 -14.82 23.51
C ARG F 30 36.42 -13.32 23.30
N ILE F 31 36.17 -12.92 22.06
CA ILE F 31 36.14 -11.52 21.68
C ILE F 31 34.92 -10.80 22.27
N GLU F 32 35.21 -9.69 22.93
CA GLU F 32 34.21 -8.88 23.61
C GLU F 32 32.88 -8.66 22.89
N ALA F 33 31.83 -9.30 23.41
CA ALA F 33 30.48 -9.10 22.85
C ALA F 33 30.16 -7.67 23.31
N SER F 34 28.98 -7.17 22.99
CA SER F 34 28.60 -5.79 23.35
C SER F 34 29.36 -4.84 22.42
N LEU F 35 30.64 -5.14 22.15
CA LEU F 35 31.46 -4.38 21.22
C LEU F 35 30.87 -4.71 19.86
N ALA F 36 30.47 -5.97 19.68
CA ALA F 36 29.86 -6.42 18.44
C ALA F 36 28.66 -5.54 18.11
N MET F 37 27.92 -5.16 19.16
CA MET F 37 26.75 -4.28 19.03
C MET F 37 27.23 -2.91 18.57
N ARG F 38 28.32 -2.43 19.17
CA ARG F 38 28.91 -1.14 18.83
C ARG F 38 29.21 -1.15 17.33
N VAL F 39 29.80 -2.24 16.86
CA VAL F 39 30.15 -2.39 15.46
C VAL F 39 28.90 -2.28 14.58
N LEU F 40 27.86 -3.03 14.94
CA LEU F 40 26.60 -3.01 14.19
C LEU F 40 25.99 -1.62 14.17
N GLU F 41 26.16 -0.86 15.24
CA GLU F 41 25.64 0.51 15.29
C GLU F 41 26.37 1.35 14.24
N THR F 42 27.65 1.07 14.08
CA THR F 42 28.47 1.76 13.10
C THR F 42 27.98 1.34 11.71
N PHE F 43 27.74 0.05 11.52
CA PHE F 43 27.26 -0.48 10.25
C PHE F 43 26.01 0.27 9.80
N ASP F 44 25.03 0.35 10.68
CA ASP F 44 23.77 1.03 10.36
C ASP F 44 23.98 2.41 9.76
N LYS F 45 24.86 3.20 10.37
CA LYS F 45 25.17 4.56 9.92
C LYS F 45 25.91 4.56 8.58
N VAL F 46 26.97 3.75 8.49
CA VAL F 46 27.77 3.67 7.27
C VAL F 46 26.94 3.30 6.04
N VAL F 47 26.18 2.22 6.12
CA VAL F 47 25.38 1.78 4.98
C VAL F 47 24.46 2.90 4.54
N ALA F 48 23.93 3.65 5.49
CA ALA F 48 23.03 4.76 5.21
C ALA F 48 23.71 5.88 4.42
N GLU F 49 24.81 6.38 4.94
CA GLU F 49 25.54 7.44 4.25
C GLU F 49 26.11 6.97 2.91
N THR F 50 26.62 5.74 2.87
CA THR F 50 27.18 5.17 1.65
C THR F 50 26.12 5.03 0.55
N LEU F 51 24.96 4.52 0.92
CA LEU F 51 23.87 4.36 -0.05
C LEU F 51 23.31 5.72 -0.45
N LYS F 52 23.57 6.73 0.38
CA LYS F 52 23.10 8.07 0.09
C LYS F 52 24.06 8.84 -0.79
N ASP F 53 25.35 8.76 -0.46
CA ASP F 53 26.37 9.51 -1.19
C ASP F 53 27.15 8.74 -2.25
N ASN F 54 27.11 7.42 -2.21
CA ASN F 54 27.89 6.65 -3.16
C ASN F 54 27.12 5.78 -4.14
N THR F 55 25.92 6.21 -4.52
CA THR F 55 25.12 5.45 -5.48
C THR F 55 24.72 6.30 -6.68
N GLN F 56 24.49 5.66 -7.82
CA GLN F 56 24.08 6.37 -9.04
C GLN F 56 22.88 5.68 -9.70
N SER F 57 22.87 4.36 -9.65
CA SER F 57 21.82 3.55 -10.25
C SER F 57 20.39 3.98 -9.97
N LYS F 58 19.54 3.78 -10.96
CA LYS F 58 18.13 4.09 -10.86
C LYS F 58 17.49 2.79 -11.28
N LEU F 59 16.58 2.28 -10.47
CA LEU F 59 15.92 1.03 -10.78
C LEU F 59 14.45 1.25 -11.11
N THR F 60 13.90 0.34 -11.88
CA THR F 60 12.51 0.39 -12.26
C THR F 60 11.97 -1.01 -12.10
N VAL F 61 10.94 -1.17 -11.27
CA VAL F 61 10.34 -2.47 -11.03
C VAL F 61 8.89 -2.45 -11.49
N LYS F 62 8.53 -3.34 -12.40
CA LYS F 62 7.16 -3.44 -12.91
C LYS F 62 6.67 -4.86 -12.83
N GLY F 63 5.48 -5.05 -12.27
CA GLY F 63 4.91 -6.39 -12.16
C GLY F 63 3.56 -6.40 -11.47
N ASN F 64 3.18 -7.56 -10.98
CA ASN F 64 1.92 -7.76 -10.28
C ASN F 64 2.13 -7.55 -8.78
N LEU F 65 1.21 -6.85 -8.14
CA LEU F 65 1.33 -6.63 -6.70
C LEU F 65 0.57 -7.76 -6.00
N ASP F 66 1.33 -8.70 -5.46
CA ASP F 66 0.74 -9.83 -4.77
C ASP F 66 0.25 -9.47 -3.37
N THR F 67 0.99 -8.63 -2.68
CA THR F 67 0.64 -8.23 -1.33
C THR F 67 1.30 -6.91 -0.98
N TYR F 68 0.64 -6.12 -0.15
CA TYR F 68 1.18 -4.85 0.30
C TYR F 68 0.82 -4.75 1.77
N GLY F 69 1.36 -3.76 2.46
CA GLY F 69 1.05 -3.59 3.87
C GLY F 69 1.76 -2.40 4.48
N PHE F 70 1.11 -1.77 5.46
CA PHE F 70 1.69 -0.63 6.17
C PHE F 70 1.37 -0.65 7.65
N CYS F 71 2.39 -0.38 8.46
CA CYS F 71 2.27 -0.31 9.89
C CYS F 71 3.62 0.23 10.40
N ASP F 72 3.54 1.09 11.40
CA ASP F 72 4.72 1.70 12.01
C ASP F 72 5.76 2.26 11.04
N ASP F 73 5.34 3.16 10.16
CA ASP F 73 6.24 3.79 9.20
C ASP F 73 7.03 2.84 8.30
N VAL F 74 6.49 1.64 8.08
CA VAL F 74 7.15 0.66 7.22
C VAL F 74 6.18 0.10 6.20
N TRP F 75 6.57 0.16 4.92
CA TRP F 75 5.77 -0.37 3.81
C TRP F 75 6.39 -1.69 3.36
N THR F 76 5.56 -2.72 3.20
CA THR F 76 6.05 -4.01 2.75
C THR F 76 5.28 -4.36 1.48
N PHE F 77 6.00 -4.73 0.43
CA PHE F 77 5.38 -5.10 -0.83
C PHE F 77 5.96 -6.42 -1.29
N ILE F 78 5.18 -7.22 -1.99
CA ILE F 78 5.63 -8.48 -2.56
C ILE F 78 5.17 -8.45 -4.00
N VAL F 79 6.12 -8.22 -4.91
CA VAL F 79 5.86 -8.13 -6.34
C VAL F 79 6.15 -9.46 -7.02
N LYS F 80 5.21 -9.92 -7.83
CA LYS F 80 5.33 -11.19 -8.54
C LYS F 80 5.43 -10.94 -10.04
N ASN F 81 6.12 -11.86 -10.73
CA ASN F 81 6.32 -11.78 -12.17
C ASN F 81 6.72 -10.37 -12.59
N CYS F 82 7.86 -9.90 -12.08
CA CYS F 82 8.31 -8.55 -12.42
C CYS F 82 9.58 -8.43 -13.24
N GLN F 83 9.68 -7.32 -13.95
CA GLN F 83 10.85 -7.01 -14.76
C GLN F 83 11.47 -5.81 -14.08
N VAL F 84 12.77 -5.89 -13.86
CA VAL F 84 13.56 -4.88 -13.18
C VAL F 84 14.57 -4.27 -14.18
N THR F 85 14.61 -2.94 -14.27
CA THR F 85 15.52 -2.27 -15.18
C THR F 85 16.58 -1.47 -14.44
N VAL F 86 17.84 -1.81 -14.68
CA VAL F 86 18.96 -1.13 -14.05
C VAL F 86 19.47 -0.03 -14.99
N GLU F 87 19.34 1.22 -14.53
CA GLU F 87 19.76 2.39 -15.27
C GLU F 87 19.12 2.52 -16.64
N SER F 103 19.95 -2.67 -18.19
CA SER F 103 19.76 -4.15 -18.32
C SER F 103 18.36 -4.46 -17.80
N VAL F 104 17.76 -5.55 -18.29
CA VAL F 104 16.42 -5.95 -17.85
C VAL F 104 16.48 -7.33 -17.20
N ILE F 105 16.11 -7.39 -15.92
CA ILE F 105 16.12 -8.61 -15.15
C ILE F 105 14.69 -9.02 -14.80
N SER F 106 14.44 -10.32 -14.69
CA SER F 106 13.10 -10.80 -14.35
C SER F 106 13.16 -11.59 -13.05
N VAL F 107 12.15 -11.39 -12.20
CA VAL F 107 12.09 -12.07 -10.90
C VAL F 107 10.68 -12.58 -10.65
N ASP F 108 10.57 -13.84 -10.27
CA ASP F 108 9.27 -14.44 -9.98
C ASP F 108 8.64 -13.78 -8.77
N LYS F 109 9.44 -13.64 -7.71
CA LYS F 109 8.94 -13.06 -6.47
C LYS F 109 9.99 -12.17 -5.81
N LEU F 110 9.62 -10.91 -5.59
CA LEU F 110 10.49 -9.93 -4.96
C LEU F 110 9.81 -9.32 -3.75
N ARG F 111 10.50 -9.31 -2.61
CA ARG F 111 9.99 -8.72 -1.38
C ARG F 111 10.68 -7.36 -1.18
N ILE F 112 9.90 -6.33 -0.91
CA ILE F 112 10.42 -4.99 -0.70
C ILE F 112 10.01 -4.49 0.69
N VAL F 113 10.97 -3.93 1.42
CA VAL F 113 10.72 -3.37 2.75
C VAL F 113 11.29 -1.97 2.71
N ALA F 114 10.42 -0.99 2.98
CA ALA F 114 10.82 0.41 2.95
C ALA F 114 10.49 1.18 4.23
N CYS F 115 11.46 1.91 4.74
CA CYS F 115 11.30 2.73 5.93
C CYS F 115 11.17 4.19 5.49
N ASN F 116 10.41 4.97 6.27
CA ASN F 116 10.17 6.39 5.99
C ASN F 116 11.48 7.16 5.82
N SER F 117 11.54 7.99 4.80
CA SER F 117 12.75 8.79 4.56
C SER F 117 12.78 9.99 5.50
N LYS F 118 11.60 10.41 5.96
CA LYS F 118 11.49 11.53 6.88
C LYS F 118 11.52 11.01 8.31
#